data_4DA8
#
_entry.id   4DA8
#
_cell.length_a   135.752
_cell.length_b   135.752
_cell.length_c   57.384
_cell.angle_alpha   90.00
_cell.angle_beta   90.00
_cell.angle_gamma   120.00
#
_symmetry.space_group_name_H-M   'P 63 2 2'
#
loop_
_entity.id
_entity.type
_entity.pdbx_description
1 polymer 'Purine nucleoside phosphorylase deoD-type'
2 non-polymer 8-bromoguanosine
3 water water
#
_entity_poly.entity_id   1
_entity_poly.type   'polypeptide(L)'
_entity_poly.pdbx_seq_one_letter_code
;MGSSHHHHHHSSGLVPRGSHMSVHIGAEKGQIADTVLLPGDPLRAKFIAETYLENVECYNEVRGMYGFTGTYKGKKISVQ
GTGMGVPSISIYVNELIQSYDVQNLIRVGSCGAIRKDVKVRDVILAMTSSTDSQMNRVAFGSVDFAPCADFELLKNAYDA
AKDKGVPVTVGSVFTADQFYNDDSQIEKLAKYGVLGVEMETTALYTLAAKHGRKALSILTVSDHVLTGEETTAEERQTTF
HDMIDVALHSVSQ
;
_entity_poly.pdbx_strand_id   A
#
# COMPACT_ATOMS: atom_id res chain seq x y z
N SER A 22 -11.04 17.18 10.28
CA SER A 22 -10.00 16.87 9.22
C SER A 22 -10.43 17.29 7.80
N VAL A 23 -9.58 18.03 7.11
CA VAL A 23 -9.95 18.69 5.85
C VAL A 23 -10.48 17.77 4.73
N HIS A 24 -9.89 16.60 4.55
CA HIS A 24 -10.13 15.78 3.35
C HIS A 24 -11.00 14.56 3.61
N ILE A 25 -11.25 14.31 4.88
CA ILE A 25 -12.02 13.17 5.34
C ILE A 25 -13.17 13.67 6.23
N GLY A 26 -14.42 13.46 5.78
CA GLY A 26 -15.59 13.87 6.56
C GLY A 26 -16.07 12.81 7.52
N ALA A 27 -15.31 12.53 8.57
CA ALA A 27 -15.68 11.51 9.55
C ALA A 27 -15.65 12.08 10.98
N GLU A 28 -16.22 11.33 11.92
CA GLU A 28 -16.30 11.78 13.32
C GLU A 28 -15.34 10.97 14.18
N LYS A 29 -14.92 11.56 15.29
CA LYS A 29 -14.13 10.85 16.29
C LYS A 29 -14.64 9.40 16.48
N GLY A 30 -13.75 8.40 16.35
CA GLY A 30 -14.14 6.99 16.51
C GLY A 30 -14.63 6.24 15.26
N GLN A 31 -15.17 6.97 14.29
CA GLN A 31 -15.63 6.35 13.03
C GLN A 31 -14.55 5.60 12.22
N ILE A 32 -13.28 5.75 12.61
CA ILE A 32 -12.17 5.14 11.89
C ILE A 32 -11.35 4.28 12.85
N ALA A 33 -10.99 3.08 12.38
CA ALA A 33 -10.28 2.07 13.16
C ALA A 33 -8.79 2.37 13.34
N ASP A 34 -8.18 1.61 14.25
CA ASP A 34 -6.73 1.61 14.44
C ASP A 34 -5.94 1.11 13.24
N THR A 35 -6.58 0.24 12.46
CA THR A 35 -5.99 -0.39 11.32
C THR A 35 -6.80 0.03 10.12
N VAL A 36 -6.14 0.68 9.17
CA VAL A 36 -6.72 1.10 7.93
C VAL A 36 -5.95 0.41 6.82
N LEU A 37 -6.68 -0.07 5.82
CA LEU A 37 -6.09 -0.65 4.65
C LEU A 37 -6.14 0.40 3.59
N LEU A 38 -5.10 0.47 2.76
CA LEU A 38 -4.94 1.61 1.86
C LEU A 38 -4.80 1.28 0.37
N PRO A 39 -5.92 1.03 -0.30
CA PRO A 39 -5.90 0.90 -1.76
C PRO A 39 -5.72 2.26 -2.39
N GLY A 40 -5.32 2.33 -3.66
CA GLY A 40 -5.21 3.62 -4.33
C GLY A 40 -6.54 4.11 -4.91
N ASP A 41 -7.27 3.15 -5.47
CA ASP A 41 -8.58 3.34 -6.10
C ASP A 41 -9.67 3.40 -5.02
N PRO A 42 -10.45 4.50 -4.98
CA PRO A 42 -11.55 4.48 -4.02
C PRO A 42 -12.66 3.46 -4.36
N LEU A 43 -12.76 3.01 -5.62
CA LEU A 43 -13.70 1.92 -5.96
C LEU A 43 -13.19 0.54 -5.53
N ARG A 44 -11.88 0.33 -5.44
CA ARG A 44 -11.38 -0.89 -4.82
C ARG A 44 -11.58 -0.80 -3.33
N ALA A 45 -11.62 0.42 -2.79
CA ALA A 45 -11.92 0.59 -1.38
C ALA A 45 -13.35 0.07 -1.06
N LYS A 46 -14.32 0.52 -1.86
CA LYS A 46 -15.71 0.05 -1.75
C LYS A 46 -15.81 -1.46 -1.94
N PHE A 47 -15.23 -1.96 -3.03
CA PHE A 47 -15.19 -3.38 -3.30
C PHE A 47 -14.63 -4.15 -2.12
N ILE A 48 -13.43 -3.80 -1.67
CA ILE A 48 -12.82 -4.51 -0.54
C ILE A 48 -13.74 -4.60 0.68
N ALA A 49 -14.21 -3.46 1.16
CA ALA A 49 -15.04 -3.43 2.35
C ALA A 49 -16.26 -4.33 2.23
N GLU A 50 -17.01 -4.09 1.14
CA GLU A 50 -18.27 -4.79 0.94
CA GLU A 50 -18.28 -4.77 0.86
C GLU A 50 -18.09 -6.29 0.69
N THR A 51 -16.96 -6.69 0.10
CA THR A 51 -16.63 -8.09 -0.14
C THR A 51 -16.08 -8.82 1.09
N TYR A 52 -15.40 -8.11 1.99
CA TYR A 52 -14.61 -8.78 3.03
C TYR A 52 -15.08 -8.49 4.45
N LEU A 53 -15.94 -7.50 4.62
CA LEU A 53 -16.22 -6.96 5.95
C LEU A 53 -17.70 -6.96 6.37
N GLU A 54 -17.93 -7.17 7.67
CA GLU A 54 -19.28 -7.21 8.28
C GLU A 54 -19.78 -5.84 8.76
N ASN A 55 -21.10 -5.64 8.65
CA ASN A 55 -21.77 -4.41 9.12
C ASN A 55 -20.97 -3.16 8.70
N VAL A 56 -20.82 -3.01 7.39
CA VAL A 56 -19.95 -2.01 6.78
C VAL A 56 -20.60 -0.64 6.90
N GLU A 57 -19.78 0.38 7.13
CA GLU A 57 -20.24 1.76 7.14
C GLU A 57 -19.30 2.63 6.30
N CYS A 58 -19.87 3.51 5.50
CA CYS A 58 -19.08 4.51 4.81
C CYS A 58 -19.00 5.79 5.66
N TYR A 59 -17.80 6.26 5.95
CA TYR A 59 -17.63 7.49 6.72
C TYR A 59 -17.18 8.67 5.89
N ASN A 60 -16.55 8.42 4.75
CA ASN A 60 -16.13 9.53 3.93
C ASN A 60 -16.61 9.47 2.51
N GLU A 61 -17.28 10.54 2.08
CA GLU A 61 -17.66 10.70 0.68
C GLU A 61 -16.98 11.92 0.01
N VAL A 62 -16.12 12.60 0.78
CA VAL A 62 -15.44 13.81 0.29
C VAL A 62 -14.57 13.49 -0.92
N ARG A 63 -14.77 14.23 -2.01
CA ARG A 63 -13.93 14.07 -3.18
C ARG A 63 -14.03 12.69 -3.84
N GLY A 64 -15.00 11.87 -3.44
CA GLY A 64 -15.14 10.55 -4.04
C GLY A 64 -14.16 9.52 -3.49
N MET A 65 -13.29 9.97 -2.59
CA MET A 65 -12.22 9.13 -2.07
C MET A 65 -12.78 8.39 -0.87
N TYR A 66 -13.61 7.37 -1.16
CA TYR A 66 -14.39 6.69 -0.13
C TYR A 66 -13.55 6.02 0.91
N GLY A 67 -13.98 6.14 2.16
CA GLY A 67 -13.48 5.33 3.27
C GLY A 67 -14.64 4.61 3.94
N PHE A 68 -14.34 3.46 4.55
CA PHE A 68 -15.36 2.56 5.11
C PHE A 68 -14.83 1.90 6.35
N THR A 69 -15.63 1.87 7.41
CA THR A 69 -15.29 1.01 8.53
C THR A 69 -16.26 -0.18 8.61
N GLY A 70 -15.73 -1.31 9.05
CA GLY A 70 -16.49 -2.53 9.22
C GLY A 70 -15.73 -3.50 10.09
N THR A 71 -16.12 -4.76 10.01
CA THR A 71 -15.62 -5.77 10.94
C THR A 71 -15.10 -6.99 10.21
N TYR A 72 -14.04 -7.56 10.76
CA TYR A 72 -13.49 -8.76 10.23
C TYR A 72 -13.11 -9.59 11.44
N LYS A 73 -13.73 -10.78 11.53
CA LYS A 73 -13.60 -11.68 12.66
C LYS A 73 -13.84 -10.98 14.01
N GLY A 74 -14.84 -10.10 14.04
CA GLY A 74 -15.21 -9.34 15.26
C GLY A 74 -14.28 -8.19 15.67
N LYS A 75 -13.31 -7.87 14.81
CA LYS A 75 -12.33 -6.80 15.03
C LYS A 75 -12.54 -5.69 14.00
N LYS A 76 -12.54 -4.42 14.45
CA LYS A 76 -12.71 -3.27 13.54
C LYS A 76 -11.49 -2.99 12.60
N ILE A 77 -11.81 -2.70 11.33
CA ILE A 77 -10.85 -2.49 10.24
C ILE A 77 -11.45 -1.42 9.35
N SER A 78 -10.66 -0.46 8.90
CA SER A 78 -11.19 0.56 7.98
C SER A 78 -10.44 0.46 6.65
N VAL A 79 -10.99 1.06 5.60
CA VAL A 79 -10.45 0.93 4.28
C VAL A 79 -10.64 2.29 3.63
N GLN A 80 -9.53 2.99 3.36
CA GLN A 80 -9.58 4.33 2.80
C GLN A 80 -8.79 4.37 1.50
N GLY A 81 -9.40 4.91 0.46
CA GLY A 81 -8.71 5.16 -0.81
C GLY A 81 -7.67 6.24 -0.59
N THR A 82 -6.60 6.23 -1.40
CA THR A 82 -5.52 7.20 -1.22
C THR A 82 -5.29 8.13 -2.41
N GLY A 83 -5.76 7.75 -3.59
CA GLY A 83 -5.37 8.44 -4.80
C GLY A 83 -4.01 7.90 -5.22
N MET A 84 -3.51 8.43 -6.34
CA MET A 84 -2.26 8.04 -6.94
C MET A 84 -1.23 9.17 -6.76
N GLY A 85 -0.04 8.81 -6.28
CA GLY A 85 1.06 9.73 -6.12
C GLY A 85 1.41 9.99 -4.68
N VAL A 86 2.69 10.24 -4.44
CA VAL A 86 3.16 10.67 -3.15
C VAL A 86 2.29 11.79 -2.55
N PRO A 87 1.99 12.81 -3.36
CA PRO A 87 1.31 13.96 -2.79
C PRO A 87 -0.11 13.65 -2.30
N SER A 88 -0.84 12.78 -3.00
CA SER A 88 -2.20 12.41 -2.61
C SER A 88 -2.17 11.51 -1.41
N ILE A 89 -1.38 10.44 -1.46
CA ILE A 89 -1.44 9.59 -0.31
C ILE A 89 -1.00 10.34 0.94
N SER A 90 -0.08 11.30 0.80
CA SER A 90 0.48 11.96 2.00
C SER A 90 -0.63 12.66 2.71
N ILE A 91 -1.52 13.28 1.94
CA ILE A 91 -2.69 13.92 2.51
C ILE A 91 -3.48 12.98 3.42
N TYR A 92 -3.85 11.81 2.91
CA TYR A 92 -4.73 10.89 3.66
C TYR A 92 -4.06 10.28 4.83
N VAL A 93 -2.80 9.90 4.64
CA VAL A 93 -2.00 9.35 5.72
C VAL A 93 -1.82 10.39 6.80
N ASN A 94 -1.53 11.63 6.40
CA ASN A 94 -1.37 12.69 7.38
C ASN A 94 -2.61 12.88 8.23
N GLU A 95 -3.74 13.10 7.59
CA GLU A 95 -4.99 13.24 8.35
C GLU A 95 -5.38 12.01 9.19
N LEU A 96 -5.20 10.81 8.64
CA LEU A 96 -5.54 9.59 9.37
C LEU A 96 -4.74 9.51 10.64
N ILE A 97 -3.47 9.86 10.56
CA ILE A 97 -2.57 9.79 11.70
C ILE A 97 -2.86 10.90 12.70
N GLN A 98 -2.95 12.13 12.20
CA GLN A 98 -3.01 13.32 13.05
C GLN A 98 -4.41 13.48 13.61
N SER A 99 -5.42 13.50 12.74
CA SER A 99 -6.81 13.66 13.19
C SER A 99 -7.51 12.42 13.78
N TYR A 100 -7.18 11.21 13.33
CA TYR A 100 -7.90 10.01 13.80
C TYR A 100 -7.07 8.98 14.57
N ASP A 101 -5.86 9.38 15.02
CA ASP A 101 -4.93 8.57 15.83
C ASP A 101 -4.80 7.12 15.33
N VAL A 102 -4.77 6.94 14.01
CA VAL A 102 -4.59 5.63 13.37
C VAL A 102 -3.24 5.01 13.73
N GLN A 103 -3.20 3.72 14.03
CA GLN A 103 -1.98 3.14 14.58
C GLN A 103 -1.22 2.31 13.55
N ASN A 104 -1.94 1.50 12.78
CA ASN A 104 -1.34 0.63 11.77
C ASN A 104 -1.89 1.02 10.40
N LEU A 105 -1.02 1.10 9.38
CA LEU A 105 -1.47 1.53 8.04
C LEU A 105 -0.94 0.61 6.98
N ILE A 106 -1.82 0.04 6.17
CA ILE A 106 -1.35 -0.97 5.24
C ILE A 106 -1.80 -0.70 3.84
N ARG A 107 -0.82 -0.47 2.97
CA ARG A 107 -1.10 -0.19 1.60
C ARG A 107 -1.31 -1.55 0.98
N VAL A 108 -2.44 -1.66 0.29
CA VAL A 108 -2.74 -2.84 -0.49
C VAL A 108 -3.04 -2.36 -1.90
N GLY A 109 -2.04 -2.41 -2.76
CA GLY A 109 -2.23 -2.07 -4.15
C GLY A 109 -1.32 -2.96 -5.00
N SER A 110 -1.05 -2.52 -6.20
CA SER A 110 -0.14 -3.26 -7.02
C SER A 110 0.97 -2.42 -7.65
N CYS A 111 1.74 -3.06 -8.51
CA CYS A 111 2.92 -2.43 -9.05
C CYS A 111 3.34 -3.09 -10.36
N GLY A 112 4.15 -2.38 -11.14
CA GLY A 112 4.73 -2.93 -12.34
C GLY A 112 5.99 -3.62 -11.89
N ALA A 113 6.19 -4.86 -12.31
CA ALA A 113 7.37 -5.61 -11.93
C ALA A 113 8.44 -5.25 -12.93
N ILE A 114 9.68 -5.16 -12.44
CA ILE A 114 10.81 -4.70 -13.26
C ILE A 114 11.93 -5.77 -13.30
N ARG A 115 11.63 -6.93 -12.75
CA ARG A 115 12.52 -8.07 -12.82
C ARG A 115 11.77 -9.28 -13.29
N LYS A 116 12.48 -10.05 -14.08
CA LYS A 116 12.04 -11.34 -14.58
C LYS A 116 11.67 -12.33 -13.44
N ASP A 117 12.52 -12.42 -12.41
CA ASP A 117 12.27 -13.32 -11.27
C ASP A 117 11.11 -12.89 -10.36
N VAL A 118 10.47 -11.79 -10.67
CA VAL A 118 9.27 -11.45 -9.92
C VAL A 118 8.08 -11.99 -10.70
N LYS A 119 7.45 -13.02 -10.16
CA LYS A 119 6.43 -13.75 -10.93
C LYS A 119 5.10 -13.11 -10.70
N VAL A 120 4.26 -13.21 -11.72
CA VAL A 120 2.92 -12.60 -11.69
C VAL A 120 1.97 -13.08 -10.56
N ARG A 121 2.34 -14.14 -9.83
CA ARG A 121 1.54 -14.66 -8.71
C ARG A 121 2.16 -14.23 -7.40
N ASP A 122 3.33 -13.60 -7.48
CA ASP A 122 4.01 -13.14 -6.27
C ASP A 122 3.28 -12.01 -5.58
N VAL A 123 3.44 -12.05 -4.26
CA VAL A 123 2.97 -11.03 -3.36
C VAL A 123 4.18 -10.37 -2.73
N ILE A 124 4.25 -9.04 -2.89
CA ILE A 124 5.45 -8.32 -2.52
C ILE A 124 5.21 -7.61 -1.21
N LEU A 125 6.18 -7.80 -0.33
CA LEU A 125 6.27 -7.06 0.92
C LEU A 125 7.52 -6.19 0.83
N ALA A 126 7.28 -4.87 0.87
CA ALA A 126 8.34 -3.89 0.69
C ALA A 126 8.98 -3.59 2.02
N MET A 127 10.29 -3.87 2.12
CA MET A 127 11.07 -3.55 3.32
C MET A 127 11.37 -2.07 3.31
N THR A 128 11.42 -1.52 2.09
CA THR A 128 11.85 -0.16 1.86
C THR A 128 11.48 0.28 0.45
N SER A 129 11.76 1.53 0.15
CA SER A 129 11.40 2.11 -1.12
C SER A 129 12.40 3.17 -1.62
N SER A 130 12.76 3.08 -2.90
CA SER A 130 13.51 4.14 -3.57
C SER A 130 12.52 5.14 -4.18
N THR A 131 12.99 6.34 -4.56
CA THR A 131 12.10 7.29 -5.16
C THR A 131 12.78 8.39 -5.95
N ASP A 132 12.04 8.97 -6.89
CA ASP A 132 12.41 10.21 -7.52
C ASP A 132 11.52 11.33 -7.02
N SER A 133 10.73 11.07 -5.98
CA SER A 133 10.00 12.15 -5.33
C SER A 133 11.02 13.03 -4.59
N GLN A 134 10.74 14.32 -4.49
CA GLN A 134 11.69 15.22 -3.84
C GLN A 134 11.32 15.36 -2.40
N MET A 135 10.20 14.80 -2.01
CA MET A 135 9.69 14.95 -0.67
C MET A 135 10.71 14.82 0.44
N ASN A 136 11.61 13.84 0.34
CA ASN A 136 12.59 13.62 1.38
C ASN A 136 13.81 14.53 1.23
N ARG A 137 14.22 14.75 -0.02
CA ARG A 137 15.27 15.71 -0.26
C ARG A 137 14.91 17.13 0.26
N VAL A 138 13.66 17.53 0.09
CA VAL A 138 13.14 18.76 0.69
C VAL A 138 13.41 18.82 2.22
N ALA A 139 13.11 17.75 2.94
CA ALA A 139 13.24 17.75 4.41
C ALA A 139 14.66 17.53 4.90
N PHE A 140 15.47 16.85 4.07
CA PHE A 140 16.79 16.31 4.47
C PHE A 140 18.01 16.85 3.73
N GLY A 141 17.85 17.32 2.50
CA GLY A 141 18.94 17.98 1.75
C GLY A 141 19.94 17.02 1.14
N SER A 142 21.10 16.90 1.79
CA SER A 142 22.12 16.01 1.29
C SER A 142 22.04 14.55 1.78
N VAL A 143 21.10 14.24 2.67
CA VAL A 143 20.77 12.84 3.04
C VAL A 143 19.79 12.12 2.05
N ASP A 144 20.18 10.92 1.58
CA ASP A 144 19.23 9.90 1.06
C ASP A 144 18.60 9.23 2.28
N PHE A 145 17.37 9.65 2.58
CA PHE A 145 16.53 8.99 3.55
C PHE A 145 15.99 7.67 2.97
N ALA A 146 16.27 6.55 3.63
CA ALA A 146 15.67 5.26 3.26
C ALA A 146 14.43 4.98 4.13
N PRO A 147 13.22 5.03 3.56
CA PRO A 147 12.03 4.71 4.35
C PRO A 147 12.07 3.26 4.81
N CYS A 148 11.39 2.95 5.91
CA CYS A 148 11.48 1.62 6.48
C CYS A 148 10.12 1.11 6.93
N ALA A 149 9.72 -0.03 6.38
CA ALA A 149 8.49 -0.75 6.79
C ALA A 149 8.56 -1.08 8.27
N ASP A 150 7.41 -1.11 8.96
CA ASP A 150 7.40 -1.59 10.35
C ASP A 150 7.53 -3.12 10.35
N PHE A 151 8.56 -3.60 11.04
CA PHE A 151 8.96 -4.98 10.89
C PHE A 151 7.92 -5.95 11.46
N GLU A 152 7.38 -5.63 12.63
CA GLU A 152 6.35 -6.45 13.22
C GLU A 152 5.20 -6.67 12.23
N LEU A 153 4.72 -5.63 11.55
CA LEU A 153 3.69 -5.90 10.52
C LEU A 153 4.26 -6.75 9.41
N LEU A 154 5.48 -6.45 8.97
CA LEU A 154 6.09 -7.21 7.91
C LEU A 154 6.15 -8.70 8.24
N LYS A 155 6.82 -9.05 9.34
CA LYS A 155 6.84 -10.43 9.87
C LYS A 155 5.44 -11.08 9.89
N ASN A 156 4.43 -10.36 10.38
CA ASN A 156 3.09 -10.93 10.45
C ASN A 156 2.59 -11.29 9.08
N ALA A 157 2.64 -10.32 8.19
CA ALA A 157 2.18 -10.55 6.85
C ALA A 157 2.94 -11.74 6.21
N TYR A 158 4.24 -11.83 6.48
CA TYR A 158 5.08 -12.87 5.92
C TYR A 158 4.61 -14.24 6.42
N ASP A 159 4.54 -14.39 7.76
CA ASP A 159 4.01 -15.57 8.44
C ASP A 159 2.66 -16.01 7.87
N ALA A 160 1.72 -15.05 7.78
CA ALA A 160 0.37 -15.29 7.28
C ALA A 160 0.39 -15.90 5.88
N ALA A 161 1.36 -15.48 5.07
CA ALA A 161 1.54 -16.01 3.72
C ALA A 161 2.09 -17.44 3.76
N LYS A 162 3.20 -17.60 4.49
CA LYS A 162 3.88 -18.88 4.60
C LYS A 162 2.99 -20.00 5.12
N ASP A 163 2.30 -19.73 6.22
CA ASP A 163 1.38 -20.67 6.84
C ASP A 163 0.22 -21.09 5.90
N LYS A 164 -0.12 -20.30 4.89
CA LYS A 164 -1.14 -20.71 3.92
C LYS A 164 -0.49 -21.09 2.56
N GLY A 165 0.83 -20.86 2.48
CA GLY A 165 1.65 -21.23 1.31
C GLY A 165 1.45 -20.30 0.14
N VAL A 166 0.91 -19.10 0.42
CA VAL A 166 0.82 -18.02 -0.58
C VAL A 166 2.25 -17.59 -0.96
N PRO A 167 2.53 -17.51 -2.28
CA PRO A 167 3.91 -17.14 -2.72
C PRO A 167 4.22 -15.68 -2.35
N VAL A 168 5.34 -15.47 -1.67
CA VAL A 168 5.62 -14.15 -1.16
C VAL A 168 7.09 -13.75 -1.43
N THR A 169 7.32 -12.50 -1.84
CA THR A 169 8.72 -11.97 -1.98
C THR A 169 8.94 -10.76 -1.11
N VAL A 170 10.10 -10.73 -0.46
CA VAL A 170 10.44 -9.62 0.40
C VAL A 170 11.67 -8.88 -0.13
N GLY A 171 11.47 -7.61 -0.49
CA GLY A 171 12.52 -6.74 -1.01
C GLY A 171 12.08 -5.29 -1.13
N SER A 172 12.69 -4.55 -2.05
CA SER A 172 12.41 -3.13 -2.19
C SER A 172 11.63 -2.85 -3.47
N VAL A 173 11.05 -1.65 -3.51
CA VAL A 173 10.35 -1.12 -4.70
C VAL A 173 10.80 0.29 -5.02
N PHE A 174 10.19 0.83 -6.07
CA PHE A 174 10.45 2.18 -6.47
C PHE A 174 9.17 3.02 -6.53
N THR A 175 9.07 3.99 -5.64
CA THR A 175 8.00 4.97 -5.68
C THR A 175 8.32 6.07 -6.70
N ALA A 176 7.69 6.00 -7.86
CA ALA A 176 7.85 6.97 -8.95
C ALA A 176 6.86 8.13 -8.86
N ASP A 177 7.19 9.25 -9.53
CA ASP A 177 6.32 10.46 -9.60
C ASP A 177 5.63 10.53 -10.94
N GLN A 178 6.29 10.01 -11.95
CA GLN A 178 5.73 10.04 -13.27
C GLN A 178 5.40 8.60 -13.74
N PHE A 179 4.11 8.34 -13.99
CA PHE A 179 3.67 7.07 -14.62
C PHE A 179 4.31 6.89 -16.00
N TYR A 180 4.21 7.93 -16.82
CA TYR A 180 4.78 7.96 -18.15
C TYR A 180 6.09 8.75 -18.05
N ASN A 181 7.22 8.10 -18.34
CA ASN A 181 8.52 8.63 -17.90
C ASN A 181 9.67 8.52 -18.91
N ASP A 182 9.84 9.57 -19.73
CA ASP A 182 10.89 9.58 -20.76
C ASP A 182 12.27 9.23 -20.17
N ASP A 183 12.49 9.67 -18.91
CA ASP A 183 13.77 9.52 -18.18
C ASP A 183 13.74 8.44 -17.13
N SER A 184 13.10 7.30 -17.47
CA SER A 184 13.02 6.18 -16.55
C SER A 184 14.36 5.47 -16.39
N GLN A 185 14.71 5.31 -15.11
CA GLN A 185 15.92 4.69 -14.67
C GLN A 185 15.62 3.34 -14.04
N ILE A 186 14.50 2.72 -14.40
CA ILE A 186 14.12 1.46 -13.78
C ILE A 186 15.02 0.34 -14.26
N GLU A 187 15.63 0.48 -15.42
CA GLU A 187 16.56 -0.53 -15.92
C GLU A 187 17.69 -0.67 -14.95
N LYS A 188 18.23 0.47 -14.52
CA LYS A 188 19.32 0.49 -13.55
C LYS A 188 18.84 0.00 -12.18
N LEU A 189 17.61 0.37 -11.79
CA LEU A 189 17.01 -0.11 -10.54
C LEU A 189 16.79 -1.61 -10.48
N ALA A 190 16.41 -2.21 -11.60
CA ALA A 190 16.25 -3.64 -11.69
C ALA A 190 17.57 -4.33 -11.38
N LYS A 191 18.66 -3.82 -11.98
CA LYS A 191 20.02 -4.33 -11.79
C LYS A 191 20.51 -4.32 -10.33
N TYR A 192 19.87 -3.51 -9.49
CA TYR A 192 20.19 -3.43 -8.05
C TYR A 192 19.19 -4.20 -7.18
N GLY A 193 18.32 -5.01 -7.80
CA GLY A 193 17.44 -5.90 -7.08
C GLY A 193 16.07 -5.34 -6.79
N VAL A 194 15.82 -4.11 -7.19
CA VAL A 194 14.52 -3.50 -6.96
C VAL A 194 13.46 -4.31 -7.69
N LEU A 195 12.32 -4.50 -7.06
CA LEU A 195 11.35 -5.49 -7.54
C LEU A 195 10.36 -4.91 -8.52
N GLY A 196 9.79 -3.76 -8.17
CA GLY A 196 8.75 -3.18 -9.01
C GLY A 196 8.54 -1.72 -8.71
N VAL A 197 7.77 -1.05 -9.57
CA VAL A 197 7.51 0.36 -9.40
C VAL A 197 6.04 0.61 -9.11
N GLU A 198 5.79 1.35 -8.04
CA GLU A 198 4.49 1.91 -7.75
C GLU A 198 4.68 3.41 -7.47
N MET A 199 3.74 4.01 -6.73
CA MET A 199 3.71 5.46 -6.59
C MET A 199 3.28 5.98 -5.24
N GLU A 200 3.33 5.14 -4.19
CA GLU A 200 2.83 5.53 -2.89
C GLU A 200 3.73 5.19 -1.74
N THR A 201 4.54 4.14 -1.86
CA THR A 201 5.13 3.55 -0.62
C THR A 201 6.03 4.49 0.18
N THR A 202 6.90 5.19 -0.53
CA THR A 202 7.86 6.05 0.13
C THR A 202 7.12 6.97 1.08
N ALA A 203 6.05 7.58 0.58
CA ALA A 203 5.26 8.51 1.39
C ALA A 203 4.66 7.83 2.62
N LEU A 204 3.97 6.71 2.43
CA LEU A 204 3.43 5.97 3.55
C LEU A 204 4.49 5.72 4.60
N TYR A 205 5.61 5.10 4.19
CA TYR A 205 6.60 4.67 5.17
C TYR A 205 7.23 5.85 5.84
N THR A 206 7.42 6.92 5.10
CA THR A 206 8.07 8.07 5.68
C THR A 206 7.14 8.75 6.69
N LEU A 207 5.90 9.03 6.30
CA LEU A 207 4.99 9.75 7.19
C LEU A 207 4.65 8.94 8.42
N ALA A 208 4.41 7.64 8.23
CA ALA A 208 4.12 6.75 9.38
C ALA A 208 5.23 6.77 10.42
N ALA A 209 6.46 6.54 9.98
CA ALA A 209 7.61 6.49 10.93
C ALA A 209 7.82 7.82 11.70
N LYS A 210 7.72 8.92 10.96
CA LYS A 210 7.74 10.25 11.53
C LYS A 210 6.76 10.43 12.71
N HIS A 211 5.61 9.78 12.65
CA HIS A 211 4.63 9.96 13.70
C HIS A 211 4.59 8.81 14.69
N GLY A 212 5.63 7.98 14.67
CA GLY A 212 5.78 6.84 15.58
C GLY A 212 4.68 5.84 15.34
N ARG A 213 4.20 5.72 14.10
CA ARG A 213 3.13 4.76 13.74
C ARG A 213 3.70 3.56 12.96
N LYS A 214 2.83 2.62 12.61
CA LYS A 214 3.25 1.42 11.89
C LYS A 214 2.67 1.34 10.49
N ALA A 215 3.53 1.01 9.54
CA ALA A 215 3.11 0.93 8.15
C ALA A 215 3.77 -0.18 7.33
N LEU A 216 3.11 -0.56 6.24
CA LEU A 216 3.55 -1.64 5.35
C LEU A 216 2.84 -1.51 4.01
N SER A 217 3.55 -1.80 2.93
CA SER A 217 2.97 -1.91 1.61
C SER A 217 2.98 -3.36 1.20
N ILE A 218 1.80 -3.87 0.85
CA ILE A 218 1.69 -5.19 0.25
C ILE A 218 1.26 -5.01 -1.20
N LEU A 219 2.00 -5.63 -2.11
CA LEU A 219 1.75 -5.40 -3.53
C LEU A 219 1.66 -6.62 -4.44
N THR A 220 0.78 -6.52 -5.42
CA THR A 220 0.67 -7.54 -6.47
C THR A 220 1.26 -6.99 -7.79
N VAL A 221 1.46 -7.87 -8.76
CA VAL A 221 2.10 -7.51 -9.98
C VAL A 221 1.02 -7.25 -11.02
N SER A 222 0.83 -5.99 -11.40
CA SER A 222 -0.10 -5.65 -12.49
C SER A 222 0.44 -6.03 -13.90
N ASP A 223 1.75 -5.96 -14.08
CA ASP A 223 2.39 -6.34 -15.34
C ASP A 223 3.90 -6.35 -15.16
N HIS A 224 4.59 -6.94 -16.12
CA HIS A 224 6.02 -6.77 -16.20
C HIS A 224 6.25 -5.63 -17.15
N VAL A 225 6.95 -4.63 -16.65
CA VAL A 225 7.07 -3.35 -17.34
C VAL A 225 8.20 -3.41 -18.36
N LEU A 226 9.28 -4.11 -17.97
CA LEU A 226 10.46 -4.19 -18.80
C LEU A 226 10.31 -5.21 -19.90
N THR A 227 10.05 -6.47 -19.54
CA THR A 227 9.74 -7.51 -20.54
C THR A 227 8.35 -7.33 -21.23
N GLY A 228 7.70 -6.18 -21.01
CA GLY A 228 6.51 -5.80 -21.75
C GLY A 228 5.20 -6.48 -21.39
N GLU A 229 5.19 -7.81 -21.30
CA GLU A 229 3.94 -8.62 -21.26
C GLU A 229 2.87 -8.22 -20.17
N GLU A 230 1.60 -8.43 -20.49
CA GLU A 230 0.49 -8.18 -19.55
C GLU A 230 0.23 -9.45 -18.70
N THR A 231 -0.51 -9.28 -17.60
CA THR A 231 -1.00 -10.43 -16.85
C THR A 231 -2.52 -10.45 -17.09
N THR A 232 -3.17 -11.60 -16.91
CA THR A 232 -4.61 -11.74 -17.25
C THR A 232 -5.53 -11.29 -16.12
N ALA A 233 -6.79 -11.07 -16.45
CA ALA A 233 -7.78 -10.69 -15.45
C ALA A 233 -7.89 -11.73 -14.32
N GLU A 234 -7.89 -13.01 -14.69
CA GLU A 234 -8.00 -14.08 -13.70
C GLU A 234 -6.81 -14.11 -12.72
N GLU A 235 -5.59 -13.91 -13.24
CA GLU A 235 -4.37 -13.85 -12.44
C GLU A 235 -4.43 -12.68 -11.44
N ARG A 236 -5.01 -11.56 -11.86
CA ARG A 236 -5.12 -10.40 -11.00
C ARG A 236 -6.14 -10.59 -9.87
N GLN A 237 -7.31 -11.15 -10.18
CA GLN A 237 -8.29 -11.50 -9.15
C GLN A 237 -7.77 -12.38 -8.02
N THR A 238 -7.05 -13.41 -8.41
CA THR A 238 -6.46 -14.32 -7.45
C THR A 238 -5.50 -13.60 -6.53
N THR A 239 -4.46 -12.98 -7.11
CA THR A 239 -3.39 -12.36 -6.32
C THR A 239 -3.94 -11.19 -5.53
N PHE A 240 -4.87 -10.47 -6.11
CA PHE A 240 -5.55 -9.45 -5.34
C PHE A 240 -6.13 -10.04 -4.06
N HIS A 241 -6.88 -11.12 -4.24
CA HIS A 241 -7.59 -11.77 -3.16
C HIS A 241 -6.61 -12.26 -2.11
N ASP A 242 -5.46 -12.77 -2.54
CA ASP A 242 -4.41 -13.16 -1.60
C ASP A 242 -3.81 -12.02 -0.84
N MET A 243 -3.77 -10.85 -1.47
CA MET A 243 -3.18 -9.66 -0.85
C MET A 243 -4.06 -9.27 0.32
N ILE A 244 -5.36 -9.20 0.08
CA ILE A 244 -6.30 -8.80 1.10
C ILE A 244 -6.35 -9.84 2.20
N ASP A 245 -6.26 -11.12 1.82
CA ASP A 245 -6.20 -12.18 2.81
C ASP A 245 -5.01 -11.97 3.72
N VAL A 246 -3.80 -11.96 3.14
CA VAL A 246 -2.56 -11.72 3.88
C VAL A 246 -2.68 -10.52 4.80
N ALA A 247 -3.16 -9.40 4.27
CA ALA A 247 -3.32 -8.19 5.05
C ALA A 247 -4.18 -8.43 6.28
N LEU A 248 -5.36 -9.03 6.09
CA LEU A 248 -6.29 -9.27 7.18
C LEU A 248 -5.72 -10.20 8.24
N HIS A 249 -5.23 -11.38 7.85
CA HIS A 249 -4.67 -12.36 8.82
C HIS A 249 -3.39 -11.86 9.51
N SER A 250 -2.67 -10.94 8.85
CA SER A 250 -1.42 -10.33 9.35
C SER A 250 -1.67 -9.37 10.49
N VAL A 251 -2.86 -9.51 11.08
CA VAL A 251 -3.42 -8.47 11.92
C VAL A 251 -4.33 -9.06 13.03
N SER A 252 -5.04 -10.16 12.71
CA SER A 252 -6.08 -10.73 13.60
C SER A 252 -5.55 -11.60 14.75
#